data_5NOA
#
_entry.id   5NOA
#
_cell.length_a   88.398
_cell.length_b   88.398
_cell.length_c   215.857
_cell.angle_alpha   90.00
_cell.angle_beta   90.00
_cell.angle_gamma   120.00
#
_symmetry.space_group_name_H-M   'H 3 2'
#
loop_
_entity.id
_entity.type
_entity.pdbx_description
1 polymer 'Family 88 glycosyl hydrolase'
2 water water
#
_entity_poly.entity_id   1
_entity_poly.type   'polypeptide(L)'
_entity_poly.pdbx_seq_one_letter_code
;MKKLYATLFSALVVGCAVCAGCTTKKVSSSAEVVDIIHKVNGYWQTNHPEHGRSFWDNAAYHTGNMEAYFLTNKPEYLEY
SKGWAEHNEWKGAKSDHKANWKYSYGESNDYVLFGDYQICFQTYADLYNLEPDTHKIARAREVMEYQMSTPNNDYWWWAD
GLYMVMPVMTKLYNITKNPLYLEKLHEYLAYADSIMYDEEAGLYYRDGKYVYPKHKSVNGKKDFWARGDGWVLAGLAKVL
KDLPETDKYRQEYIDRFRTLAKSVAACQQPEGYWTRSMLDAQHAPGPETSGTAFFTYGLQWGVNNGFLDSAHYQPVVEKA
WKYLSTVALQPDGKIGYVQPIGEKAIPGQVVDANSTSNFGVGAFLLAACERVRYLESLIQH
;
_entity_poly.pdbx_strand_id   A
#
# COMPACT_ATOMS: atom_id res chain seq x y z
N SER A 28 9.35 26.40 7.53
CA SER A 28 7.96 26.05 7.11
C SER A 28 7.63 24.60 7.46
N SER A 29 6.36 24.35 7.81
CA SER A 29 5.94 23.03 8.17
C SER A 29 6.24 22.04 7.02
N SER A 30 5.94 22.44 5.78
CA SER A 30 6.20 21.53 4.65
C SER A 30 7.68 21.21 4.45
N ALA A 31 8.53 22.22 4.59
CA ALA A 31 9.97 21.98 4.49
C ALA A 31 10.50 21.03 5.53
N GLU A 32 9.96 21.07 6.73
CA GLU A 32 10.38 20.16 7.79
C GLU A 32 10.03 18.73 7.38
N VAL A 33 8.88 18.52 6.75
CA VAL A 33 8.51 17.16 6.37
C VAL A 33 9.35 16.71 5.17
N VAL A 34 9.65 17.61 4.22
CA VAL A 34 10.59 17.27 3.16
C VAL A 34 11.93 16.84 3.74
N ASP A 35 12.44 17.55 4.73
CA ASP A 35 13.69 17.16 5.35
C ASP A 35 13.59 15.75 5.97
N ILE A 36 12.46 15.42 6.57
CA ILE A 36 12.25 14.08 7.10
C ILE A 36 12.27 13.03 5.97
N ILE A 37 11.60 13.33 4.87
CA ILE A 37 11.60 12.41 3.74
C ILE A 37 13.02 12.10 3.26
N HIS A 38 13.86 13.13 3.12
CA HIS A 38 15.22 12.88 2.69
C HIS A 38 16.03 12.12 3.75
N LYS A 39 15.80 12.40 5.02
CA LYS A 39 16.51 11.69 6.09
C LYS A 39 16.15 10.19 6.07
N VAL A 40 14.87 9.90 5.94
CA VAL A 40 14.35 8.54 5.94
C VAL A 40 14.80 7.78 4.70
N ASN A 41 14.59 8.37 3.54
CA ASN A 41 14.91 7.68 2.31
C ASN A 41 16.41 7.53 2.14
N GLY A 42 17.16 8.56 2.56
CA GLY A 42 18.61 8.47 2.57
C GLY A 42 19.12 7.38 3.48
N TYR A 43 18.55 7.28 4.69
CA TYR A 43 18.95 6.23 5.63
C TYR A 43 18.75 4.86 4.96
N TRP A 44 17.57 4.69 4.36
CA TRP A 44 17.26 3.39 3.78
C TRP A 44 18.26 3.06 2.65
N GLN A 45 18.46 4.00 1.75
CA GLN A 45 19.31 3.73 0.58
C GLN A 45 20.79 3.54 0.96
N THR A 46 21.23 4.31 1.97
CA THR A 46 22.59 4.15 2.49
C THR A 46 22.82 2.76 3.05
N ASN A 47 21.83 2.24 3.75
CA ASN A 47 21.96 0.96 4.40
C ASN A 47 21.63 -0.23 3.48
N HIS A 48 21.13 0.05 2.28
CA HIS A 48 20.80 -0.97 1.27
C HIS A 48 21.38 -0.62 -0.10
N PRO A 49 22.71 -0.60 -0.22
CA PRO A 49 23.30 -0.25 -1.52
C PRO A 49 23.06 -1.30 -2.60
N GLU A 50 22.81 -2.54 -2.22
CA GLU A 50 22.59 -3.62 -3.18
C GLU A 50 21.11 -3.94 -3.31
N HIS A 51 20.68 -4.17 -4.53
CA HIS A 51 19.29 -4.49 -4.81
C HIS A 51 19.02 -5.98 -4.68
N GLY A 52 17.80 -6.26 -4.25
CA GLY A 52 17.28 -7.61 -4.15
C GLY A 52 16.14 -7.85 -5.09
N ARG A 53 15.39 -8.90 -4.80
CA ARG A 53 14.41 -9.41 -5.74
C ARG A 53 13.19 -8.48 -5.87
N SER A 54 12.37 -8.87 -6.84
CA SER A 54 11.20 -8.06 -7.24
C SER A 54 9.97 -8.27 -6.37
N PHE A 55 10.04 -9.18 -5.41
CA PHE A 55 8.92 -9.59 -4.56
C PHE A 55 8.38 -8.43 -3.72
N TRP A 56 7.19 -8.63 -3.15
CA TRP A 56 6.35 -7.53 -2.66
C TRP A 56 7.01 -6.62 -1.66
N ASP A 57 7.81 -7.17 -0.76
CA ASP A 57 8.32 -6.32 0.32
C ASP A 57 9.30 -5.27 -0.25
N ASN A 58 10.19 -5.70 -1.14
CA ASN A 58 11.07 -4.75 -1.82
C ASN A 58 10.27 -3.86 -2.73
N ALA A 59 9.30 -4.44 -3.43
CA ALA A 59 8.49 -3.67 -4.37
C ALA A 59 7.67 -2.58 -3.68
N ALA A 60 7.21 -2.86 -2.46
CA ALA A 60 6.44 -1.90 -1.71
C ALA A 60 7.30 -0.70 -1.34
N TYR A 61 8.53 -0.94 -0.91
CA TYR A 61 9.48 0.14 -0.70
C TYR A 61 9.56 1.01 -1.96
N HIS A 62 9.71 0.38 -3.12
CA HIS A 62 9.89 1.15 -4.34
C HIS A 62 8.69 2.01 -4.68
N THR A 63 7.49 1.58 -4.30
CA THR A 63 6.33 2.45 -4.49
C THR A 63 6.50 3.75 -3.69
N GLY A 64 7.06 3.64 -2.49
CA GLY A 64 7.34 4.81 -1.69
C GLY A 64 8.49 5.66 -2.22
N ASN A 65 9.56 5.01 -2.68
CA ASN A 65 10.67 5.74 -3.28
C ASN A 65 10.21 6.53 -4.51
N MET A 66 9.38 5.91 -5.35
CA MET A 66 8.85 6.60 -6.49
C MET A 66 8.02 7.78 -6.08
N GLU A 67 7.20 7.65 -5.04
CA GLU A 67 6.46 8.79 -4.52
C GLU A 67 7.39 9.93 -4.12
N ALA A 68 8.46 9.58 -3.39
CA ALA A 68 9.42 10.59 -2.96
C ALA A 68 10.10 11.27 -4.16
N TYR A 69 10.38 10.52 -5.23
CA TYR A 69 10.94 11.09 -6.44
C TYR A 69 9.95 12.03 -7.09
N PHE A 70 8.69 11.62 -7.20
CA PHE A 70 7.68 12.50 -7.79
C PHE A 70 7.56 13.81 -7.01
N LEU A 71 7.66 13.73 -5.68
CA LEU A 71 7.54 14.93 -4.84
C LEU A 71 8.76 15.83 -4.94
N THR A 72 9.95 15.25 -4.87
CA THR A 72 11.18 16.01 -4.64
C THR A 72 12.09 16.11 -5.84
N ASN A 73 11.92 15.26 -6.84
CA ASN A 73 12.81 15.22 -8.02
C ASN A 73 14.27 14.93 -7.72
N LYS A 74 14.57 14.29 -6.59
CA LYS A 74 15.97 14.03 -6.26
C LYS A 74 16.50 12.90 -7.18
N PRO A 75 17.53 13.18 -7.99
CA PRO A 75 17.92 12.22 -9.02
C PRO A 75 18.34 10.87 -8.48
N GLU A 76 18.97 10.84 -7.33
CA GLU A 76 19.40 9.61 -6.71
C GLU A 76 18.23 8.66 -6.48
N TYR A 77 17.03 9.17 -6.20
CA TYR A 77 15.90 8.29 -5.97
C TYR A 77 15.48 7.57 -7.22
N LEU A 78 15.44 8.32 -8.32
CA LEU A 78 15.12 7.67 -9.61
C LEU A 78 16.14 6.60 -9.96
N GLU A 79 17.41 6.93 -9.76
CA GLU A 79 18.45 5.98 -10.05
C GLU A 79 18.35 4.70 -9.23
N TYR A 80 17.93 4.83 -7.97
CA TYR A 80 17.81 3.67 -7.11
C TYR A 80 16.74 2.71 -7.58
N SER A 81 15.56 3.27 -7.95
CA SER A 81 14.52 2.39 -8.51
C SER A 81 14.88 1.81 -9.89
N LYS A 82 15.54 2.61 -10.74
CA LYS A 82 15.99 2.09 -12.03
C LYS A 82 16.98 0.94 -11.82
N GLY A 83 17.86 1.07 -10.83
CA GLY A 83 18.83 0.00 -10.57
C GLY A 83 18.15 -1.28 -10.14
N TRP A 84 17.11 -1.15 -9.32
CA TRP A 84 16.36 -2.32 -8.89
C TRP A 84 15.61 -2.97 -10.03
N ALA A 85 15.01 -2.15 -10.88
CA ALA A 85 14.26 -2.68 -12.03
C ALA A 85 15.19 -3.43 -12.98
N GLU A 86 16.38 -2.85 -13.22
CA GLU A 86 17.37 -3.47 -14.08
C GLU A 86 17.87 -4.79 -13.47
N HIS A 87 18.10 -4.79 -12.16
CA HIS A 87 18.58 -5.97 -11.46
C HIS A 87 17.57 -7.12 -11.65
N ASN A 88 16.28 -6.80 -11.64
CA ASN A 88 15.18 -7.75 -11.75
C ASN A 88 14.70 -7.96 -13.19
N GLU A 89 15.44 -7.40 -14.15
CA GLU A 89 15.21 -7.55 -15.57
C GLU A 89 13.80 -7.10 -15.99
N TRP A 90 13.25 -6.14 -15.25
CA TRP A 90 11.92 -5.64 -15.60
C TRP A 90 10.84 -6.74 -15.55
N LYS A 91 11.05 -7.71 -14.65
CA LYS A 91 10.14 -8.84 -14.46
C LYS A 91 9.82 -9.00 -12.99
N GLY A 92 8.72 -9.68 -12.71
CA GLY A 92 8.44 -10.25 -11.40
C GLY A 92 8.99 -11.66 -11.36
N ALA A 93 8.16 -12.63 -11.02
CA ALA A 93 8.58 -14.04 -11.10
C ALA A 93 8.93 -14.37 -12.56
N LYS A 94 9.94 -15.20 -12.79
CA LYS A 94 10.55 -15.32 -14.11
C LYS A 94 10.06 -16.42 -15.02
N SER A 95 9.20 -17.34 -14.53
CA SER A 95 8.88 -18.52 -15.35
C SER A 95 8.19 -18.13 -16.65
N ASP A 96 8.58 -18.81 -17.74
CA ASP A 96 7.88 -18.73 -19.03
C ASP A 96 6.93 -19.92 -19.30
N HIS A 97 6.75 -20.77 -18.30
CA HIS A 97 5.96 -21.99 -18.46
C HIS A 97 4.57 -21.70 -17.86
N LYS A 98 3.71 -21.16 -18.70
CA LYS A 98 2.39 -20.70 -18.27
C LYS A 98 1.59 -21.79 -17.60
N ALA A 99 1.74 -23.05 -18.01
CA ALA A 99 1.00 -24.14 -17.34
C ALA A 99 1.38 -24.30 -15.86
N ASN A 100 2.57 -23.90 -15.48
CA ASN A 100 3.04 -23.96 -14.09
C ASN A 100 2.73 -22.68 -13.35
N TRP A 101 2.16 -21.64 -13.99
CA TRP A 101 1.92 -20.39 -13.27
C TRP A 101 0.88 -20.53 -12.20
N LYS A 102 1.21 -20.02 -11.02
CA LYS A 102 0.41 -20.13 -9.81
C LYS A 102 0.13 -18.78 -9.18
N TYR A 103 -0.94 -18.76 -8.40
CA TYR A 103 -1.37 -17.54 -7.72
C TYR A 103 -1.73 -17.67 -6.27
N SER A 104 -1.51 -18.86 -5.68
CA SER A 104 -1.45 -18.96 -4.22
C SER A 104 -0.11 -18.44 -3.73
N TYR A 105 0.19 -18.55 -2.42
CA TYR A 105 1.43 -17.96 -1.93
C TYR A 105 2.65 -18.77 -2.40
N GLY A 106 3.63 -18.08 -2.95
CA GLY A 106 4.89 -18.64 -3.25
C GLY A 106 5.87 -17.56 -3.58
N GLU A 107 7.14 -17.89 -3.38
CA GLU A 107 8.26 -16.98 -3.65
C GLU A 107 9.12 -17.41 -4.82
N SER A 108 8.79 -18.56 -5.42
CA SER A 108 9.58 -19.10 -6.48
C SER A 108 9.09 -18.56 -7.83
N ASN A 109 9.85 -18.89 -8.87
CA ASN A 109 9.62 -18.27 -10.18
C ASN A 109 8.35 -18.70 -10.90
N ASP A 110 7.63 -19.71 -10.41
CA ASP A 110 6.37 -20.10 -10.99
C ASP A 110 5.21 -19.20 -10.54
N TYR A 111 5.42 -18.35 -9.54
CA TYR A 111 4.33 -17.61 -8.91
C TYR A 111 4.07 -16.28 -9.63
N VAL A 112 3.95 -16.38 -10.94
CA VAL A 112 3.83 -15.23 -11.82
C VAL A 112 2.50 -14.51 -11.67
N LEU A 113 1.47 -15.27 -11.34
CA LEU A 113 0.11 -14.75 -11.20
C LEU A 113 -0.26 -14.34 -9.78
N PHE A 114 0.67 -14.51 -8.86
CA PHE A 114 0.49 -14.09 -7.48
C PHE A 114 0.80 -12.62 -7.38
N GLY A 115 -0.16 -11.83 -6.88
CA GLY A 115 -0.01 -10.40 -6.82
C GLY A 115 1.20 -9.90 -6.09
N ASP A 116 1.73 -10.66 -5.13
CA ASP A 116 2.99 -10.25 -4.51
C ASP A 116 4.17 -10.17 -5.49
N TYR A 117 4.06 -10.84 -6.64
CA TYR A 117 5.03 -10.77 -7.72
C TYR A 117 4.61 -9.85 -8.84
N GLN A 118 3.58 -9.04 -8.61
CA GLN A 118 3.10 -8.10 -9.60
C GLN A 118 3.18 -6.65 -9.17
N ILE A 119 3.34 -6.40 -7.86
CA ILE A 119 3.48 -5.02 -7.43
C ILE A 119 4.69 -4.36 -8.04
N CYS A 120 5.75 -5.12 -8.35
CA CYS A 120 6.89 -4.54 -9.06
C CYS A 120 6.48 -3.81 -10.36
N PHE A 121 5.42 -4.30 -11.01
CA PHE A 121 4.95 -3.68 -12.24
C PHE A 121 4.53 -2.24 -12.03
N GLN A 122 4.11 -1.87 -10.81
CA GLN A 122 3.78 -0.48 -10.55
C GLN A 122 4.98 0.43 -10.80
N THR A 123 6.12 0.00 -10.28
CA THR A 123 7.37 0.77 -10.46
C THR A 123 7.85 0.71 -11.89
N TYR A 124 7.73 -0.46 -12.53
CA TYR A 124 8.15 -0.54 -13.92
C TYR A 124 7.34 0.42 -14.78
N ALA A 125 6.03 0.49 -14.54
CA ALA A 125 5.15 1.41 -15.27
C ALA A 125 5.52 2.85 -15.00
N ASP A 126 5.81 3.19 -13.73
CA ASP A 126 6.20 4.58 -13.39
C ASP A 126 7.48 4.96 -14.14
N LEU A 127 8.43 4.05 -14.14
CA LEU A 127 9.70 4.30 -14.83
C LEU A 127 9.47 4.44 -16.34
N TYR A 128 8.61 3.59 -16.91
CA TYR A 128 8.21 3.73 -18.31
C TYR A 128 7.62 5.09 -18.60
N ASN A 129 6.72 5.57 -17.74
CA ASN A 129 6.07 6.84 -18.01
C ASN A 129 7.08 7.97 -18.09
N LEU A 130 8.12 7.91 -17.28
CA LEU A 130 9.19 8.91 -17.31
C LEU A 130 10.07 8.79 -18.55
N GLU A 131 10.35 7.56 -18.97
CA GLU A 131 11.23 7.33 -20.14
C GLU A 131 10.70 6.11 -20.90
N PRO A 132 9.74 6.31 -21.81
CA PRO A 132 9.06 5.15 -22.40
C PRO A 132 10.03 4.31 -23.21
N ASP A 133 9.99 3.01 -22.95
CA ASP A 133 10.73 2.00 -23.70
C ASP A 133 9.94 0.73 -23.51
N THR A 134 9.58 0.11 -24.63
CA THR A 134 8.73 -1.11 -24.67
C THR A 134 9.13 -2.17 -23.67
N HIS A 135 10.43 -2.39 -23.51
CA HIS A 135 10.89 -3.51 -22.67
C HIS A 135 10.52 -3.31 -21.22
N LYS A 136 10.36 -2.08 -20.77
CA LYS A 136 10.11 -1.84 -19.35
C LYS A 136 8.80 -2.44 -18.86
N ILE A 137 7.78 -2.46 -19.72
CA ILE A 137 6.46 -2.96 -19.39
C ILE A 137 6.08 -4.22 -20.16
N ALA A 138 7.02 -4.79 -20.90
CA ALA A 138 6.72 -6.00 -21.70
C ALA A 138 6.23 -7.13 -20.83
N ARG A 139 6.97 -7.42 -19.78
CA ARG A 139 6.59 -8.51 -18.91
C ARG A 139 5.28 -8.17 -18.19
N ALA A 140 5.15 -6.93 -17.68
CA ALA A 140 3.91 -6.56 -16.99
C ALA A 140 2.70 -6.83 -17.87
N ARG A 141 2.80 -6.39 -19.13
CA ARG A 141 1.69 -6.58 -20.05
C ARG A 141 1.45 -8.06 -20.37
N GLU A 142 2.53 -8.82 -20.60
CA GLU A 142 2.39 -10.24 -20.93
C GLU A 142 1.65 -10.96 -19.81
N VAL A 143 2.07 -10.70 -18.58
CA VAL A 143 1.49 -11.37 -17.44
C VAL A 143 0.07 -10.94 -17.21
N MET A 144 -0.18 -9.63 -17.15
CA MET A 144 -1.53 -9.21 -16.82
C MET A 144 -2.54 -9.53 -17.91
N GLU A 145 -2.11 -9.41 -19.16
CA GLU A 145 -2.99 -9.74 -20.28
C GLU A 145 -3.29 -11.24 -20.34
N TYR A 146 -2.31 -12.11 -20.03
CA TYR A 146 -2.63 -13.51 -19.88
C TYR A 146 -3.62 -13.73 -18.73
N GLN A 147 -3.34 -13.14 -17.57
CA GLN A 147 -4.23 -13.29 -16.44
C GLN A 147 -5.66 -12.89 -16.80
N MET A 148 -5.82 -11.76 -17.47
CA MET A 148 -7.15 -11.27 -17.82
C MET A 148 -7.88 -12.17 -18.83
N SER A 149 -7.12 -12.95 -19.58
CA SER A 149 -7.69 -13.90 -20.54
C SER A 149 -8.23 -15.13 -19.89
N THR A 150 -7.82 -15.42 -18.68
CA THR A 150 -8.29 -16.61 -17.96
C THR A 150 -9.70 -16.34 -17.42
N PRO A 151 -10.47 -17.42 -17.15
CA PRO A 151 -11.82 -17.18 -16.60
C PRO A 151 -11.83 -16.85 -15.13
N ASN A 152 -10.76 -17.13 -14.41
CA ASN A 152 -10.80 -17.12 -12.96
C ASN A 152 -11.07 -15.69 -12.47
N ASN A 153 -11.85 -15.57 -11.39
CA ASN A 153 -12.11 -14.25 -10.79
C ASN A 153 -11.46 -14.06 -9.41
N ASP A 154 -10.68 -15.05 -8.97
CA ASP A 154 -10.30 -15.16 -7.56
C ASP A 154 -8.80 -14.90 -7.31
N TYR A 155 -8.19 -14.10 -8.16
CA TYR A 155 -6.79 -13.77 -8.04
C TYR A 155 -6.46 -12.97 -6.77
N TRP A 156 -7.40 -12.15 -6.29
CA TRP A 156 -7.16 -11.25 -5.15
C TRP A 156 -7.88 -11.81 -3.94
N TRP A 157 -7.25 -12.81 -3.32
CA TRP A 157 -7.81 -13.61 -2.25
C TRP A 157 -7.32 -13.23 -0.85
N TRP A 158 -6.51 -12.18 -0.78
CA TRP A 158 -6.04 -11.66 0.50
C TRP A 158 -6.00 -10.14 0.37
N ALA A 159 -6.21 -9.46 1.50
CA ALA A 159 -6.43 -8.02 1.45
C ALA A 159 -5.27 -7.25 0.85
N ASP A 160 -4.07 -7.64 1.21
CA ASP A 160 -2.89 -6.91 0.78
C ASP A 160 -2.80 -6.86 -0.73
N GLY A 161 -3.28 -7.92 -1.39
CA GLY A 161 -3.22 -8.01 -2.82
C GLY A 161 -3.87 -6.84 -3.53
N LEU A 162 -4.85 -6.19 -2.89
CA LEU A 162 -5.48 -5.03 -3.46
C LEU A 162 -4.49 -3.90 -3.67
N TYR A 163 -3.63 -3.61 -2.69
CA TYR A 163 -2.57 -2.62 -2.96
C TYR A 163 -1.60 -3.10 -4.02
N MET A 164 -1.28 -4.40 -3.99
CA MET A 164 -0.24 -4.92 -4.87
CA MET A 164 -0.25 -4.89 -4.87
C MET A 164 -0.64 -4.78 -6.32
N VAL A 165 -1.93 -5.02 -6.63
CA VAL A 165 -2.33 -5.18 -8.01
C VAL A 165 -3.32 -4.15 -8.53
N MET A 166 -4.19 -3.59 -7.70
CA MET A 166 -5.15 -2.63 -8.26
C MET A 166 -4.45 -1.52 -9.02
N PRO A 167 -3.38 -0.91 -8.47
CA PRO A 167 -2.72 0.17 -9.21
C PRO A 167 -1.98 -0.28 -10.45
N VAL A 168 -1.65 -1.56 -10.56
CA VAL A 168 -1.12 -2.10 -11.81
C VAL A 168 -2.16 -1.95 -12.92
N MET A 169 -3.40 -2.22 -12.57
CA MET A 169 -4.49 -2.17 -13.56
C MET A 169 -4.69 -0.77 -14.09
N THR A 170 -4.71 0.20 -13.17
CA THR A 170 -4.91 1.59 -13.59
C THR A 170 -3.68 2.12 -14.33
N LYS A 171 -2.46 1.82 -13.87
CA LYS A 171 -1.25 2.32 -14.55
C LYS A 171 -1.17 1.73 -15.94
N LEU A 172 -1.45 0.44 -16.09
CA LEU A 172 -1.37 -0.15 -17.42
C LEU A 172 -2.49 0.32 -18.33
N TYR A 173 -3.66 0.60 -17.75
CA TYR A 173 -4.70 1.23 -18.55
C TYR A 173 -4.22 2.55 -19.14
N ASN A 174 -3.63 3.39 -18.30
CA ASN A 174 -3.27 4.72 -18.79
C ASN A 174 -2.22 4.68 -19.88
N ILE A 175 -1.38 3.64 -19.87
CA ILE A 175 -0.42 3.44 -20.94
C ILE A 175 -1.04 2.85 -22.19
N THR A 176 -1.76 1.75 -22.04
CA THR A 176 -2.25 0.96 -23.17
C THR A 176 -3.59 1.46 -23.73
N LYS A 177 -4.39 2.09 -22.86
CA LYS A 177 -5.79 2.40 -23.15
C LYS A 177 -6.66 1.19 -23.49
N ASN A 178 -6.22 0.01 -23.01
CA ASN A 178 -6.97 -1.20 -23.19
C ASN A 178 -8.05 -1.29 -22.09
N PRO A 179 -9.33 -1.15 -22.47
CA PRO A 179 -10.40 -1.15 -21.44
C PRO A 179 -10.54 -2.42 -20.60
N LEU A 180 -10.00 -3.53 -21.06
CA LEU A 180 -10.07 -4.74 -20.29
C LEU A 180 -9.42 -4.59 -18.91
N TYR A 181 -8.35 -3.80 -18.81
CA TYR A 181 -7.73 -3.55 -17.49
C TYR A 181 -8.73 -3.02 -16.47
N LEU A 182 -9.62 -2.13 -16.92
CA LEU A 182 -10.57 -1.53 -15.99
C LEU A 182 -11.76 -2.42 -15.71
N GLU A 183 -12.13 -3.25 -16.67
CA GLU A 183 -13.15 -4.25 -16.44
C GLU A 183 -12.69 -5.30 -15.43
N LYS A 184 -11.48 -5.77 -15.60
CA LYS A 184 -10.92 -6.78 -14.71
C LYS A 184 -10.56 -6.23 -13.33
N LEU A 185 -10.14 -4.96 -13.26
CA LEU A 185 -10.00 -4.33 -11.94
C LEU A 185 -11.30 -4.51 -11.16
N HIS A 186 -12.42 -4.21 -11.82
CA HIS A 186 -13.70 -4.33 -11.13
C HIS A 186 -14.03 -5.78 -10.77
N GLU A 187 -13.84 -6.70 -11.71
CA GLU A 187 -14.19 -8.09 -11.46
C GLU A 187 -13.35 -8.66 -10.31
N TYR A 188 -12.06 -8.39 -10.31
CA TYR A 188 -11.19 -8.94 -9.28
C TYR A 188 -11.45 -8.29 -7.92
N LEU A 189 -11.71 -7.00 -7.88
CA LEU A 189 -12.02 -6.34 -6.62
C LEU A 189 -13.38 -6.79 -6.10
N ALA A 190 -14.35 -6.98 -7.01
CA ALA A 190 -15.65 -7.43 -6.57
C ALA A 190 -15.53 -8.77 -5.86
N TYR A 191 -14.68 -9.67 -6.38
CA TYR A 191 -14.44 -10.93 -5.69
C TYR A 191 -13.87 -10.75 -4.31
N ALA A 192 -12.81 -9.95 -4.21
CA ALA A 192 -12.17 -9.72 -2.93
C ALA A 192 -13.17 -9.12 -1.91
N ASP A 193 -13.93 -8.15 -2.37
CA ASP A 193 -14.90 -7.48 -1.51
C ASP A 193 -15.94 -8.46 -1.02
N SER A 194 -16.39 -9.36 -1.91
CA SER A 194 -17.42 -10.32 -1.57
C SER A 194 -16.98 -11.24 -0.45
N ILE A 195 -15.67 -11.54 -0.38
CA ILE A 195 -15.20 -12.47 0.64
C ILE A 195 -14.70 -11.76 1.92
N MET A 196 -14.06 -10.62 1.77
CA MET A 196 -13.33 -10.01 2.86
C MET A 196 -13.98 -8.77 3.47
N TYR A 197 -14.87 -8.09 2.75
CA TYR A 197 -15.44 -6.87 3.30
C TYR A 197 -16.55 -7.22 4.25
N ASP A 198 -16.49 -6.67 5.45
CA ASP A 198 -17.56 -6.83 6.44
C ASP A 198 -18.43 -5.59 6.34
N GLU A 199 -19.63 -5.74 5.80
CA GLU A 199 -20.49 -4.58 5.58
C GLU A 199 -20.90 -3.88 6.87
N GLU A 200 -21.08 -4.64 7.96
CA GLU A 200 -21.48 -4.03 9.23
C GLU A 200 -20.36 -3.18 9.83
N ALA A 201 -19.14 -3.73 9.82
CA ALA A 201 -18.01 -3.02 10.41
C ALA A 201 -17.39 -1.99 9.48
N GLY A 202 -17.57 -2.19 8.18
CA GLY A 202 -16.94 -1.32 7.21
C GLY A 202 -15.43 -1.50 7.06
N LEU A 203 -14.92 -2.70 7.34
CA LEU A 203 -13.49 -3.01 7.27
C LEU A 203 -13.32 -4.35 6.56
N TYR A 204 -12.10 -4.57 6.08
CA TYR A 204 -11.73 -5.80 5.43
C TYR A 204 -11.00 -6.75 6.37
N TYR A 205 -11.44 -7.99 6.37
CA TYR A 205 -10.65 -9.06 6.95
C TYR A 205 -9.40 -9.29 6.12
N ARG A 206 -8.38 -9.82 6.75
CA ARG A 206 -7.14 -10.02 6.03
C ARG A 206 -7.24 -11.06 4.90
N ASP A 207 -8.15 -12.03 5.12
CA ASP A 207 -8.50 -13.08 4.16
C ASP A 207 -9.76 -13.74 4.70
N GLY A 208 -10.30 -14.66 3.94
CA GLY A 208 -11.55 -15.31 4.30
C GLY A 208 -11.53 -16.20 5.54
N LYS A 209 -10.36 -16.61 6.04
CA LYS A 209 -10.35 -17.42 7.34
C LYS A 209 -10.64 -16.56 8.59
N TYR A 210 -10.47 -15.24 8.50
CA TYR A 210 -10.53 -14.37 9.70
C TYR A 210 -11.88 -13.81 10.00
N VAL A 211 -12.90 -14.27 9.29
CA VAL A 211 -14.24 -13.77 9.46
C VAL A 211 -14.92 -14.16 10.83
N TYR A 212 -15.56 -13.17 11.42
CA TYR A 212 -16.39 -13.35 12.63
C TYR A 212 -17.72 -14.04 12.27
N PRO A 213 -18.32 -14.83 13.14
CA PRO A 213 -17.89 -15.12 14.48
C PRO A 213 -16.99 -16.35 14.63
N LYS A 214 -16.70 -17.05 13.54
CA LYS A 214 -15.86 -18.24 13.66
C LYS A 214 -14.51 -17.86 14.29
N HIS A 215 -13.95 -16.76 13.84
CA HIS A 215 -12.72 -16.18 14.39
C HIS A 215 -13.06 -14.87 15.09
N LYS A 216 -12.50 -14.70 16.28
CA LYS A 216 -12.57 -13.46 17.03
C LYS A 216 -11.20 -13.11 17.56
N SER A 217 -11.04 -11.86 17.93
CA SER A 217 -9.86 -11.46 18.70
C SER A 217 -9.90 -12.16 20.06
N VAL A 218 -8.81 -12.07 20.85
CA VAL A 218 -8.80 -12.83 22.11
C VAL A 218 -9.86 -12.33 23.09
N ASN A 219 -10.30 -11.07 22.94
CA ASN A 219 -11.36 -10.49 23.78
C ASN A 219 -12.73 -10.38 23.10
N GLY A 220 -12.93 -11.15 22.04
CA GLY A 220 -14.24 -11.34 21.47
C GLY A 220 -14.68 -10.32 20.44
N LYS A 221 -13.76 -9.50 19.94
CA LYS A 221 -14.07 -8.50 18.93
C LYS A 221 -13.88 -9.10 17.55
N LYS A 222 -14.43 -8.42 16.55
CA LYS A 222 -14.02 -8.72 15.17
C LYS A 222 -12.54 -8.42 15.02
N ASP A 223 -11.79 -9.28 14.32
CA ASP A 223 -10.36 -9.14 14.20
C ASP A 223 -9.99 -8.66 12.80
N PHE A 224 -9.68 -7.37 12.69
CA PHE A 224 -9.27 -6.75 11.43
C PHE A 224 -7.81 -6.34 11.58
N TRP A 225 -6.96 -6.82 10.68
CA TRP A 225 -5.52 -6.55 10.78
C TRP A 225 -5.27 -5.15 10.21
N ALA A 226 -4.61 -4.33 10.99
CA ALA A 226 -4.36 -2.94 10.60
C ALA A 226 -3.57 -2.86 9.32
N ARG A 227 -2.45 -3.57 9.18
CA ARG A 227 -1.67 -3.52 7.96
CA ARG A 227 -1.67 -3.51 7.94
CA ARG A 227 -1.71 -3.44 7.93
C ARG A 227 -2.56 -3.87 6.76
N GLY A 228 -3.38 -4.91 6.93
CA GLY A 228 -4.28 -5.39 5.87
C GLY A 228 -5.19 -4.27 5.33
N ASP A 229 -5.87 -3.61 6.28
CA ASP A 229 -6.73 -2.51 5.89
C ASP A 229 -5.96 -1.31 5.37
N GLY A 230 -4.75 -1.12 5.87
CA GLY A 230 -3.89 -0.08 5.35
C GLY A 230 -3.59 -0.28 3.88
N TRP A 231 -3.25 -1.50 3.50
CA TRP A 231 -3.01 -1.80 2.12
C TRP A 231 -4.22 -1.46 1.27
N VAL A 232 -5.41 -1.79 1.75
CA VAL A 232 -6.62 -1.59 0.96
C VAL A 232 -6.91 -0.10 0.79
N LEU A 233 -6.85 0.65 1.88
CA LEU A 233 -7.19 2.06 1.79
C LEU A 233 -6.20 2.79 0.87
N ALA A 234 -4.91 2.50 1.07
CA ALA A 234 -3.90 3.09 0.19
C ALA A 234 -4.04 2.66 -1.26
N GLY A 235 -4.41 1.40 -1.47
CA GLY A 235 -4.65 0.93 -2.81
C GLY A 235 -5.80 1.59 -3.51
N LEU A 236 -6.91 1.79 -2.79
CA LEU A 236 -8.03 2.49 -3.33
C LEU A 236 -7.69 3.95 -3.65
N ALA A 237 -6.89 4.61 -2.82
CA ALA A 237 -6.43 5.95 -3.13
C ALA A 237 -5.66 5.95 -4.44
N LYS A 238 -4.76 5.01 -4.62
CA LYS A 238 -3.99 4.97 -5.87
C LYS A 238 -4.86 4.68 -7.09
N VAL A 239 -5.88 3.85 -6.93
CA VAL A 239 -6.85 3.62 -8.02
C VAL A 239 -7.53 4.94 -8.38
N LEU A 240 -8.06 5.64 -7.37
CA LEU A 240 -8.80 6.86 -7.65
C LEU A 240 -7.91 7.96 -8.21
N LYS A 241 -6.62 7.93 -7.88
CA LYS A 241 -5.67 8.88 -8.47
C LYS A 241 -5.59 8.79 -9.98
N ASP A 242 -5.58 7.56 -10.49
CA ASP A 242 -5.31 7.34 -11.90
C ASP A 242 -6.48 6.90 -12.75
N LEU A 243 -7.57 6.46 -12.16
CA LEU A 243 -8.72 5.99 -12.90
C LEU A 243 -9.34 7.13 -13.71
N PRO A 244 -9.75 6.92 -14.97
CA PRO A 244 -10.43 7.99 -15.70
C PRO A 244 -11.70 8.41 -15.00
N GLU A 245 -11.98 9.71 -15.04
CA GLU A 245 -13.13 10.26 -14.33
C GLU A 245 -14.44 9.68 -14.88
N THR A 246 -14.42 9.15 -16.10
CA THR A 246 -15.59 8.62 -16.75
C THR A 246 -15.80 7.12 -16.57
N ASP A 247 -14.91 6.45 -15.82
CA ASP A 247 -15.01 5.01 -15.74
C ASP A 247 -16.35 4.60 -15.12
N LYS A 248 -17.00 3.59 -15.68
CA LYS A 248 -18.34 3.23 -15.25
C LYS A 248 -18.42 2.66 -13.85
N TYR A 249 -17.31 2.16 -13.30
CA TYR A 249 -17.29 1.59 -11.96
C TYR A 249 -16.75 2.57 -10.91
N ARG A 250 -16.39 3.80 -11.29
CA ARG A 250 -15.69 4.72 -10.39
C ARG A 250 -16.47 5.02 -9.14
N GLN A 251 -17.79 5.16 -9.28
CA GLN A 251 -18.58 5.48 -8.09
C GLN A 251 -18.58 4.36 -7.05
N GLU A 252 -18.51 3.11 -7.51
CA GLU A 252 -18.39 2.01 -6.55
C GLU A 252 -17.11 2.09 -5.76
N TYR A 253 -16.01 2.45 -6.43
CA TYR A 253 -14.73 2.58 -5.73
C TYR A 253 -14.74 3.73 -4.76
N ILE A 254 -15.33 4.85 -5.17
CA ILE A 254 -15.44 6.00 -4.29
C ILE A 254 -16.26 5.63 -3.07
N ASP A 255 -17.38 4.97 -3.31
CA ASP A 255 -18.28 4.61 -2.21
C ASP A 255 -17.57 3.73 -1.19
N ARG A 256 -16.83 2.74 -1.67
CA ARG A 256 -16.09 1.86 -0.77
C ARG A 256 -14.96 2.59 -0.05
N PHE A 257 -14.25 3.43 -0.78
CA PHE A 257 -13.20 4.24 -0.16
C PHE A 257 -13.77 5.06 1.00
N ARG A 258 -14.93 5.68 0.79
CA ARG A 258 -15.54 6.48 1.83
C ARG A 258 -15.98 5.64 3.04
N THR A 259 -16.55 4.45 2.78
CA THR A 259 -17.00 3.61 3.91
C THR A 259 -15.80 3.11 4.72
N LEU A 260 -14.79 2.67 4.01
CA LEU A 260 -13.58 2.18 4.67
C LEU A 260 -12.89 3.29 5.46
N ALA A 261 -12.79 4.46 4.84
CA ALA A 261 -12.18 5.59 5.56
C ALA A 261 -12.88 5.91 6.86
N LYS A 262 -14.21 5.88 6.82
CA LYS A 262 -14.98 6.24 8.01
C LYS A 262 -14.74 5.27 9.13
N SER A 263 -14.73 4.00 8.79
CA SER A 263 -14.50 2.96 9.82
C SER A 263 -13.06 2.96 10.33
N VAL A 264 -12.11 3.23 9.45
CA VAL A 264 -10.72 3.41 9.84
C VAL A 264 -10.58 4.55 10.82
N ALA A 265 -11.13 5.72 10.48
CA ALA A 265 -11.02 6.83 11.35
C ALA A 265 -11.64 6.58 12.74
N ALA A 266 -12.75 5.85 12.76
CA ALA A 266 -13.47 5.63 13.99
C ALA A 266 -12.74 4.79 14.99
N CYS A 267 -11.79 3.96 14.55
CA CYS A 267 -11.09 3.07 15.47
C CYS A 267 -9.62 3.43 15.69
N GLN A 268 -9.25 4.65 15.39
CA GLN A 268 -7.92 5.13 15.74
C GLN A 268 -7.76 5.12 17.26
N GLN A 269 -6.59 4.71 17.75
CA GLN A 269 -6.40 4.79 19.18
C GLN A 269 -6.27 6.26 19.61
N PRO A 270 -6.60 6.53 20.87
CA PRO A 270 -6.36 7.88 21.39
C PRO A 270 -4.92 8.45 21.13
N GLU A 271 -3.93 7.56 21.14
CA GLU A 271 -2.53 7.91 20.94
C GLU A 271 -2.17 8.20 19.47
N GLY A 272 -3.08 7.95 18.54
CA GLY A 272 -2.89 8.32 17.13
C GLY A 272 -2.56 7.20 16.16
N TYR A 273 -2.11 6.08 16.70
CA TYR A 273 -1.86 4.89 15.91
C TYR A 273 -3.07 3.97 15.87
N TRP A 274 -2.98 2.95 15.02
CA TRP A 274 -3.89 1.84 15.00
C TRP A 274 -3.15 0.60 15.48
N THR A 275 -3.80 -0.16 16.33
CA THR A 275 -3.24 -1.41 16.84
C THR A 275 -3.37 -2.51 15.81
N ARG A 276 -2.50 -3.50 15.95
CA ARG A 276 -2.45 -4.61 15.03
C ARG A 276 -3.80 -5.27 14.79
N SER A 277 -4.61 -5.47 15.84
CA SER A 277 -6.05 -5.81 15.71
C SER A 277 -6.79 -4.49 15.92
N MET A 278 -7.36 -3.95 14.85
CA MET A 278 -7.80 -2.55 14.86
C MET A 278 -8.85 -2.26 15.92
N LEU A 279 -9.74 -3.24 16.18
CA LEU A 279 -10.85 -3.06 17.10
C LEU A 279 -10.58 -3.64 18.49
N ASP A 280 -9.37 -4.12 18.75
CA ASP A 280 -9.08 -4.72 20.06
C ASP A 280 -7.65 -4.43 20.43
N ALA A 281 -7.45 -3.28 21.09
CA ALA A 281 -6.09 -2.88 21.47
C ALA A 281 -5.39 -3.89 22.38
N GLN A 282 -6.13 -4.62 23.22
CA GLN A 282 -5.48 -5.54 24.17
C GLN A 282 -5.04 -6.84 23.52
N HIS A 283 -5.59 -7.17 22.37
CA HIS A 283 -5.22 -8.41 21.69
C HIS A 283 -3.73 -8.43 21.33
N ALA A 284 -3.24 -7.31 20.83
CA ALA A 284 -1.87 -7.13 20.41
C ALA A 284 -1.58 -5.69 20.65
N PRO A 285 -1.06 -5.35 21.83
CA PRO A 285 -1.07 -3.95 22.26
C PRO A 285 -0.01 -3.06 21.64
N GLY A 286 -0.23 -1.77 21.82
CA GLY A 286 0.76 -0.78 21.60
C GLY A 286 0.89 -0.35 20.16
N PRO A 287 1.84 0.57 19.90
CA PRO A 287 1.98 1.15 18.59
C PRO A 287 2.31 0.15 17.48
N GLU A 288 1.85 0.48 16.27
CA GLU A 288 2.35 -0.20 15.08
C GLU A 288 2.36 0.83 13.96
N THR A 289 3.39 0.79 13.13
CA THR A 289 3.63 1.85 12.16
C THR A 289 3.08 1.63 10.78
N SER A 290 3.20 0.42 10.25
CA SER A 290 2.86 0.23 8.84
C SER A 290 1.39 0.49 8.53
N GLY A 291 0.49 -0.09 9.32
CA GLY A 291 -0.95 0.24 9.13
C GLY A 291 -1.22 1.71 9.28
N THR A 292 -0.76 2.26 10.39
CA THR A 292 -0.92 3.66 10.64
C THR A 292 -0.43 4.52 9.48
N ALA A 293 0.74 4.23 8.95
CA ALA A 293 1.30 5.03 7.85
C ALA A 293 0.44 4.93 6.59
N PHE A 294 0.01 3.73 6.24
CA PHE A 294 -0.87 3.58 5.08
C PHE A 294 -2.17 4.35 5.29
N PHE A 295 -2.72 4.33 6.50
CA PHE A 295 -3.94 5.08 6.77
C PHE A 295 -3.69 6.58 6.66
N THR A 296 -2.54 7.05 7.13
CA THR A 296 -2.22 8.45 7.10
C THR A 296 -2.08 8.91 5.66
N TYR A 297 -1.49 8.07 4.79
CA TYR A 297 -1.50 8.33 3.36
C TYR A 297 -2.89 8.36 2.80
N GLY A 298 -3.66 7.28 3.01
CA GLY A 298 -4.95 7.15 2.31
C GLY A 298 -5.94 8.22 2.74
N LEU A 299 -5.97 8.50 4.06
CA LEU A 299 -6.90 9.51 4.57
C LEU A 299 -6.47 10.89 4.08
N GLN A 300 -5.20 11.23 4.16
CA GLN A 300 -4.80 12.56 3.68
C GLN A 300 -5.01 12.67 2.20
N TRP A 301 -4.72 11.59 1.44
CA TRP A 301 -4.91 11.63 0.01
C TRP A 301 -6.37 11.87 -0.29
N GLY A 302 -7.25 11.17 0.40
CA GLY A 302 -8.69 11.33 0.14
C GLY A 302 -9.22 12.71 0.47
N VAL A 303 -8.68 13.31 1.53
CA VAL A 303 -9.01 14.73 1.85
C VAL A 303 -8.45 15.64 0.75
N ASN A 304 -7.21 15.44 0.34
CA ASN A 304 -6.57 16.30 -0.64
C ASN A 304 -7.16 16.16 -2.03
N ASN A 305 -7.89 15.08 -2.30
CA ASN A 305 -8.37 14.83 -3.64
C ASN A 305 -9.88 14.80 -3.71
N GLY A 306 -10.53 15.29 -2.67
CA GLY A 306 -11.93 15.64 -2.74
C GLY A 306 -12.92 14.54 -2.57
N PHE A 307 -12.45 13.43 -2.01
CA PHE A 307 -13.33 12.30 -1.73
C PHE A 307 -13.76 12.16 -0.30
N LEU A 308 -13.00 12.74 0.62
CA LEU A 308 -13.25 12.63 2.06
C LEU A 308 -13.44 13.97 2.69
N ASP A 309 -14.27 14.01 3.71
CA ASP A 309 -14.66 15.24 4.39
C ASP A 309 -13.47 15.84 5.16
N SER A 310 -12.99 17.01 4.74
CA SER A 310 -11.80 17.63 5.37
C SER A 310 -11.90 17.80 6.87
N ALA A 311 -13.00 18.41 7.31
CA ALA A 311 -13.19 18.72 8.72
C ALA A 311 -13.25 17.46 9.59
N HIS A 312 -13.83 16.38 9.05
CA HIS A 312 -13.99 15.15 9.80
C HIS A 312 -12.64 14.43 9.91
N TYR A 313 -11.90 14.36 8.81
CA TYR A 313 -10.72 13.49 8.75
C TYR A 313 -9.43 14.20 9.13
N GLN A 314 -9.31 15.50 8.90
CA GLN A 314 -8.02 16.14 9.18
C GLN A 314 -7.55 15.95 10.63
N PRO A 315 -8.43 16.01 11.64
CA PRO A 315 -7.94 15.79 12.99
C PRO A 315 -7.37 14.39 13.23
N VAL A 316 -7.94 13.41 12.56
CA VAL A 316 -7.45 12.03 12.65
C VAL A 316 -6.05 11.97 12.06
N VAL A 317 -5.90 12.55 10.86
CA VAL A 317 -4.60 12.58 10.22
C VAL A 317 -3.58 13.28 11.08
N GLU A 318 -3.97 14.37 11.73
CA GLU A 318 -3.01 15.09 12.54
C GLU A 318 -2.50 14.24 13.69
N LYS A 319 -3.38 13.50 14.35
CA LYS A 319 -2.96 12.62 15.45
C LYS A 319 -2.06 11.52 14.92
N ALA A 320 -2.37 10.99 13.74
CA ALA A 320 -1.55 9.93 13.14
C ALA A 320 -0.15 10.41 12.79
N TRP A 321 -0.09 11.59 12.17
CA TRP A 321 1.22 12.15 11.82
C TRP A 321 2.03 12.48 13.04
N LYS A 322 1.36 12.94 14.10
CA LYS A 322 2.03 13.14 15.34
C LYS A 322 2.74 11.85 15.84
N TYR A 323 2.02 10.73 15.82
CA TYR A 323 2.63 9.47 16.15
C TYR A 323 3.80 9.14 15.21
N LEU A 324 3.58 9.27 13.91
CA LEU A 324 4.63 8.87 12.97
C LEU A 324 5.89 9.66 13.15
N SER A 325 5.74 10.97 13.36
CA SER A 325 6.88 11.86 13.42
C SER A 325 7.59 11.91 14.74
N THR A 326 6.89 11.56 15.81
CA THR A 326 7.41 11.61 17.16
C THR A 326 7.84 10.29 17.75
N VAL A 327 7.12 9.24 17.40
CA VAL A 327 7.31 7.94 18.03
C VAL A 327 7.94 6.96 17.03
N ALA A 328 7.36 6.83 15.84
CA ALA A 328 7.90 5.88 14.88
C ALA A 328 9.26 6.31 14.33
N LEU A 329 9.38 7.58 13.95
CA LEU A 329 10.60 8.10 13.36
C LEU A 329 11.71 8.25 14.38
N GLN A 330 12.89 7.75 14.04
CA GLN A 330 14.09 7.92 14.86
C GLN A 330 14.95 8.99 14.24
N PRO A 331 15.80 9.64 15.03
CA PRO A 331 16.50 10.81 14.53
C PRO A 331 17.53 10.57 13.45
N ASP A 332 17.92 9.33 13.22
CA ASP A 332 18.79 9.05 12.08
C ASP A 332 18.03 8.70 10.80
N GLY A 333 16.71 8.67 10.87
CA GLY A 333 15.89 8.33 9.73
C GLY A 333 15.31 6.91 9.73
N LYS A 334 15.66 6.09 10.71
CA LYS A 334 15.05 4.77 10.83
C LYS A 334 13.57 4.91 11.20
N ILE A 335 12.74 4.09 10.58
CA ILE A 335 11.31 4.00 10.89
C ILE A 335 11.07 2.77 11.72
N GLY A 336 10.69 2.98 13.00
CA GLY A 336 10.46 1.89 13.91
C GLY A 336 9.02 1.49 14.13
N TYR A 337 8.81 0.54 15.04
CA TYR A 337 7.52 -0.03 15.39
C TYR A 337 6.80 -0.64 14.19
N VAL A 338 7.55 -1.16 13.23
CA VAL A 338 6.95 -1.85 12.11
C VAL A 338 6.71 -3.32 12.48
N GLN A 339 5.47 -3.79 12.39
CA GLN A 339 5.18 -5.21 12.67
C GLN A 339 5.96 -6.07 11.65
N PRO A 340 6.84 -6.98 12.13
CA PRO A 340 7.67 -7.74 11.22
C PRO A 340 6.95 -8.89 10.53
N ILE A 341 7.40 -9.23 9.34
CA ILE A 341 6.83 -10.37 8.60
C ILE A 341 6.85 -11.62 9.45
N GLY A 342 7.94 -11.87 10.09
CA GLY A 342 7.97 -13.16 10.87
C GLY A 342 7.38 -13.14 12.27
N GLU A 343 6.67 -12.09 12.64
CA GLU A 343 6.27 -11.93 14.02
C GLU A 343 5.57 -13.16 14.66
N LYS A 344 5.97 -13.45 15.87
CA LYS A 344 5.32 -14.34 16.83
C LYS A 344 4.88 -13.40 17.94
N ALA A 345 3.61 -13.38 18.31
CA ALA A 345 3.18 -12.48 19.40
C ALA A 345 1.97 -13.01 20.10
N ILE A 346 1.91 -12.69 21.39
CA ILE A 346 0.78 -13.02 22.24
C ILE A 346 0.36 -11.74 22.98
N PRO A 347 -0.84 -11.75 23.54
CA PRO A 347 -1.28 -10.57 24.29
C PRO A 347 -0.31 -10.18 25.40
N GLY A 348 -0.15 -8.86 25.60
CA GLY A 348 0.78 -8.32 26.55
C GLY A 348 2.04 -7.82 25.90
N GLN A 349 2.33 -8.24 24.67
CA GLN A 349 3.63 -7.96 24.04
C GLN A 349 3.48 -6.87 22.98
N VAL A 350 4.39 -5.92 23.02
CA VAL A 350 4.42 -4.84 22.05
C VAL A 350 5.38 -5.13 20.89
N VAL A 351 5.24 -4.39 19.82
CA VAL A 351 6.18 -4.45 18.68
C VAL A 351 7.50 -3.84 19.10
N ASP A 352 8.59 -4.37 18.58
CA ASP A 352 9.92 -3.81 18.79
C ASP A 352 9.99 -2.39 18.24
N ALA A 353 10.35 -1.46 19.11
CA ALA A 353 10.55 -0.08 18.70
C ALA A 353 11.55 0.09 17.57
N ASN A 354 12.52 -0.79 17.53
CA ASN A 354 13.59 -0.75 16.54
C ASN A 354 13.36 -1.63 15.32
N SER A 355 12.12 -2.10 15.17
CA SER A 355 11.76 -2.90 14.04
C SER A 355 11.42 -2.04 12.87
N THR A 356 12.18 -2.22 11.78
CA THR A 356 11.92 -1.53 10.53
C THR A 356 11.79 -2.51 9.41
N SER A 357 11.32 -2.05 8.27
CA SER A 357 11.31 -2.91 7.09
C SER A 357 11.18 -2.03 5.86
N ASN A 358 11.51 -2.64 4.74
CA ASN A 358 11.30 -2.06 3.43
C ASN A 358 9.88 -1.53 3.24
N PHE A 359 8.87 -2.37 3.49
CA PHE A 359 7.50 -1.96 3.25
C PHE A 359 7.05 -0.89 4.25
N GLY A 360 7.59 -0.91 5.46
CA GLY A 360 7.26 0.11 6.46
C GLY A 360 7.80 1.46 6.06
N VAL A 361 9.03 1.48 5.56
CA VAL A 361 9.61 2.72 5.05
C VAL A 361 8.81 3.20 3.86
N GLY A 362 8.43 2.29 2.96
CA GLY A 362 7.59 2.69 1.85
C GLY A 362 6.30 3.36 2.29
N ALA A 363 5.61 2.75 3.26
CA ALA A 363 4.38 3.32 3.77
C ALA A 363 4.59 4.70 4.39
N PHE A 364 5.67 4.81 5.18
CA PHE A 364 5.99 6.07 5.81
C PHE A 364 6.22 7.16 4.75
N LEU A 365 6.98 6.83 3.71
CA LEU A 365 7.23 7.78 2.64
C LEU A 365 5.94 8.23 1.97
N LEU A 366 5.01 7.29 1.74
CA LEU A 366 3.70 7.69 1.18
C LEU A 366 3.00 8.73 2.07
N ALA A 367 2.92 8.41 3.35
CA ALA A 367 2.27 9.32 4.31
C ALA A 367 2.94 10.67 4.33
N ALA A 368 4.27 10.68 4.38
CA ALA A 368 5.00 11.95 4.46
C ALA A 368 4.84 12.78 3.19
N CYS A 369 4.90 12.13 2.03
CA CYS A 369 4.77 12.88 0.79
C CYS A 369 3.40 13.52 0.72
N GLU A 370 2.36 12.78 1.07
CA GLU A 370 1.02 13.33 1.00
C GLU A 370 0.82 14.45 2.01
N ARG A 371 1.50 14.36 3.15
CA ARG A 371 1.47 15.47 4.10
C ARG A 371 2.07 16.74 3.53
N VAL A 372 3.20 16.64 2.83
CA VAL A 372 3.77 17.81 2.18
C VAL A 372 2.77 18.47 1.25
N ARG A 373 2.08 17.64 0.46
CA ARG A 373 1.05 18.18 -0.44
C ARG A 373 -0.06 18.93 0.30
N TYR A 374 -0.52 18.38 1.41
CA TYR A 374 -1.50 19.07 2.25
C TYR A 374 -0.93 20.39 2.81
N LEU A 375 0.25 20.36 3.41
CA LEU A 375 0.80 21.55 4.02
C LEU A 375 1.03 22.66 3.01
N GLU A 376 1.46 22.29 1.81
CA GLU A 376 1.74 23.30 0.80
C GLU A 376 0.47 23.99 0.29
N SER A 377 -0.69 23.36 0.51
CA SER A 377 -2.03 23.94 0.13
C SER A 377 -2.43 25.07 1.07
N LEU A 378 -1.84 25.13 2.25
CA LEU A 378 -2.33 26.07 3.26
C LEU A 378 -1.84 27.52 2.92
N ILE A 379 -2.60 28.51 3.33
CA ILE A 379 -2.16 29.91 3.07
C ILE A 379 -0.84 30.21 3.78
N GLN A 380 0.10 30.88 3.09
CA GLN A 380 1.37 31.36 3.68
C GLN A 380 1.15 32.78 4.16
N HIS A 381 1.17 32.93 5.48
CA HIS A 381 0.97 34.23 6.08
C HIS A 381 2.28 34.97 6.34
#